data_3PA1
#
_entry.id   3PA1
#
_cell.length_a   65.194
_cell.length_b   78.987
_cell.length_c   70.100
_cell.angle_alpha   90.00
_cell.angle_beta   101.06
_cell.angle_gamma   90.00
#
_symmetry.space_group_name_H-M   'P 1 21 1'
#
loop_
_entity.id
_entity.type
_entity.pdbx_description
1 polymer 'Capsid protein'
2 branched alpha-L-fucopyranose-(1-2)-[2-acetamido-2-deoxy-alpha-D-galactopyranose-(1-3)]beta-D-galactopyranose
3 non-polymer 1,2-ETHANEDIOL
4 non-polymer IMIDAZOLE
5 water water
#
_entity_poly.entity_id   1
_entity_poly.type   'polypeptide(L)'
_entity_poly.pdbx_seq_one_letter_code
;GPGSSKPFTLPILTLGELTNSRFPLPIDVLYTNPNESAIVQCQNGRCTLDGELQGTTQLLPTGICAFRGKVTQQVQDEHR
GTHWNMTVTNLNGTPFDPTEDVPAPLGTPDFSGQIYGVISQRNTNTVPGEGNLPANRAHEAVIATYSPKFTPKLGNIQFS
TWETQDVSSGQPTKFTPVGLASVDANSHFDQWTLPSYSGALTLNMNLAPSVAPVFPGECLLFFRSFIPLKGGYGNPAIDC
LMPQEWVQHLYQESAPSLSDVALVRYVNPETGRTLFEAKLHRNGFLTVARNSAGPVVAPTNGYFRFDSWVNQFYTLAPM
;
_entity_poly.pdbx_strand_id   A,B
#
# COMPACT_ATOMS: atom_id res chain seq x y z
N SER A 5 -0.62 33.55 1.00
CA SER A 5 -1.46 32.38 1.29
C SER A 5 -1.21 31.25 0.29
N LYS A 6 -0.67 30.15 0.78
CA LYS A 6 -0.41 28.97 -0.05
C LYS A 6 -1.72 28.46 -0.63
N PRO A 7 -1.83 28.45 -1.97
CA PRO A 7 -3.07 28.07 -2.66
C PRO A 7 -3.41 26.60 -2.46
N PHE A 8 -4.67 26.34 -2.16
CA PHE A 8 -5.14 24.98 -1.96
C PHE A 8 -5.16 24.21 -3.28
N THR A 9 -4.72 22.95 -3.22
CA THR A 9 -4.74 22.08 -4.40
C THR A 9 -5.01 20.64 -4.02
N LEU A 10 -5.46 19.88 -5.00
CA LEU A 10 -5.65 18.43 -4.87
C LEU A 10 -4.71 17.75 -5.85
N PRO A 11 -4.37 16.48 -5.58
CA PRO A 11 -3.54 15.74 -6.54
C PRO A 11 -4.32 15.58 -7.83
N ILE A 12 -3.62 15.43 -8.94
CA ILE A 12 -4.25 15.22 -10.22
C ILE A 12 -4.24 13.75 -10.58
N LEU A 13 -4.06 12.91 -9.56
CA LEU A 13 -4.18 11.48 -9.76
C LEU A 13 -5.63 11.14 -10.09
N THR A 14 -5.84 10.26 -11.06
CA THR A 14 -7.18 9.86 -11.49
C THR A 14 -7.80 8.74 -10.61
N LEU A 15 -9.07 8.39 -10.81
CA LEU A 15 -9.71 7.37 -9.97
C LEU A 15 -8.98 6.00 -9.98
N GLY A 16 -8.51 5.61 -11.15
CA GLY A 16 -7.72 4.40 -11.27
C GLY A 16 -6.28 4.55 -10.79
N GLU A 17 -5.96 5.72 -10.23
CA GLU A 17 -4.63 5.99 -9.67
C GLU A 17 -4.69 6.32 -8.18
N LEU A 18 -5.84 6.02 -7.57
CA LEU A 18 -6.09 6.32 -6.14
C LEU A 18 -6.29 5.04 -5.32
N THR A 19 -5.94 5.11 -4.03
CA THR A 19 -6.18 3.97 -3.15
C THR A 19 -7.01 4.37 -1.95
N ASN A 20 -7.64 3.37 -1.34
CA ASN A 20 -8.52 3.59 -0.21
C ASN A 20 -7.71 3.90 1.05
N SER A 21 -8.21 4.80 1.87
CA SER A 21 -7.54 5.18 3.12
C SER A 21 -7.96 4.34 4.33
N ARG A 22 -8.91 3.43 4.14
CA ARG A 22 -9.45 2.63 5.24
C ARG A 22 -9.12 1.15 5.12
N PHE A 23 -8.59 0.73 3.96
CA PHE A 23 -8.12 -0.65 3.76
C PHE A 23 -7.22 -0.62 2.51
N PRO A 24 -6.19 -1.48 2.46
CA PRO A 24 -5.25 -1.38 1.33
C PRO A 24 -5.82 -1.95 0.04
N LEU A 25 -6.58 -1.11 -0.64
CA LEU A 25 -7.30 -1.50 -1.85
C LEU A 25 -7.29 -0.33 -2.81
N PRO A 26 -7.36 -0.60 -4.11
CA PRO A 26 -7.53 0.51 -5.04
C PRO A 26 -8.93 1.07 -4.95
N ILE A 27 -9.14 2.34 -5.30
CA ILE A 27 -10.50 2.86 -5.45
C ILE A 27 -11.13 2.27 -6.71
N ASP A 28 -12.33 1.70 -6.55
CA ASP A 28 -13.05 1.09 -7.67
C ASP A 28 -14.09 2.01 -8.30
N VAL A 29 -14.81 2.74 -7.45
CA VAL A 29 -15.90 3.56 -7.94
C VAL A 29 -16.24 4.64 -6.92
N LEU A 30 -16.80 5.75 -7.41
CA LEU A 30 -17.42 6.72 -6.51
C LEU A 30 -18.84 6.23 -6.19
N TYR A 31 -19.34 6.60 -5.01
CA TYR A 31 -20.55 5.93 -4.51
C TYR A 31 -21.33 6.84 -3.56
N THR A 32 -22.66 6.78 -3.63
CA THR A 32 -23.52 7.46 -2.65
C THR A 32 -24.52 6.51 -2.00
N ASN A 33 -25.02 6.89 -0.83
CA ASN A 33 -26.05 6.14 -0.12
C ASN A 33 -26.83 7.07 0.80
N PRO A 34 -27.69 7.89 0.21
CA PRO A 34 -28.33 8.98 0.96
C PRO A 34 -29.14 8.53 2.17
N ASN A 35 -29.72 7.35 2.15
CA ASN A 35 -30.58 6.92 3.25
C ASN A 35 -29.87 6.10 4.32
N GLU A 36 -28.54 6.08 4.26
CA GLU A 36 -27.73 5.48 5.31
C GLU A 36 -28.25 5.86 6.69
N SER A 37 -28.46 4.88 7.55
CA SER A 37 -29.00 5.20 8.88
C SER A 37 -27.90 5.32 9.94
N ALA A 38 -26.74 4.74 9.66
CA ALA A 38 -25.65 4.81 10.64
C ALA A 38 -25.00 6.19 10.69
N ILE A 39 -24.41 6.52 11.84
CA ILE A 39 -23.56 7.69 11.94
C ILE A 39 -22.24 7.38 11.24
N VAL A 40 -21.81 8.25 10.32
CA VAL A 40 -20.54 8.05 9.60
C VAL A 40 -19.43 8.74 10.37
N GLN A 41 -18.53 7.93 10.95
CA GLN A 41 -17.51 8.48 11.83
C GLN A 41 -16.27 7.59 11.79
N CYS A 42 -15.85 7.26 10.57
CA CYS A 42 -14.64 6.45 10.41
C CYS A 42 -13.41 7.22 10.92
N GLN A 43 -12.37 6.47 11.27
CA GLN A 43 -11.21 7.04 11.95
C GLN A 43 -9.92 6.98 11.12
N ASN A 44 -9.90 6.13 10.10
CA ASN A 44 -8.82 6.16 9.11
C ASN A 44 -9.26 6.99 7.90
N GLY A 45 -8.29 7.56 7.18
CA GLY A 45 -8.58 8.46 6.07
C GLY A 45 -9.21 9.78 6.51
N ARG A 46 -8.79 10.29 7.67
CA ARG A 46 -9.33 11.52 8.24
C ARG A 46 -8.23 12.56 8.28
N CYS A 47 -8.47 13.67 7.58
CA CYS A 47 -7.50 14.75 7.45
C CYS A 47 -8.26 16.01 7.07
N THR A 48 -8.00 17.10 7.79
CA THR A 48 -8.63 18.37 7.43
C THR A 48 -7.99 18.91 6.16
N LEU A 49 -8.65 19.87 5.52
CA LEU A 49 -8.16 20.41 4.27
C LEU A 49 -6.84 21.17 4.45
N ASP A 50 -6.57 21.61 5.68
CA ASP A 50 -5.33 22.32 5.94
C ASP A 50 -4.25 21.39 6.50
N GLY A 51 -4.49 20.08 6.41
CA GLY A 51 -3.43 19.10 6.59
C GLY A 51 -3.27 18.46 7.96
N GLU A 52 -4.28 18.60 8.81
CA GLU A 52 -4.22 18.01 10.14
C GLU A 52 -4.85 16.61 10.14
N LEU A 53 -4.03 15.59 10.36
CA LEU A 53 -4.50 14.20 10.48
C LEU A 53 -5.34 14.04 11.73
N GLN A 54 -6.40 13.24 11.64
CA GLN A 54 -7.26 13.03 12.79
C GLN A 54 -7.55 11.54 12.97
N GLY A 55 -8.23 11.20 14.07
CA GLY A 55 -8.53 9.82 14.37
C GLY A 55 -7.28 8.98 14.51
N THR A 56 -7.30 7.83 13.85
CA THR A 56 -6.17 6.90 13.84
C THR A 56 -5.37 6.98 12.55
N THR A 57 -5.56 8.07 11.81
CA THR A 57 -4.96 8.21 10.49
C THR A 57 -3.44 8.41 10.52
N GLN A 58 -2.77 7.63 9.68
CA GLN A 58 -1.35 7.82 9.43
C GLN A 58 -1.11 7.81 7.94
N LEU A 59 0.15 8.02 7.55
CA LEU A 59 0.44 8.35 6.15
C LEU A 59 0.76 7.16 5.27
N LEU A 60 1.11 6.03 5.87
CA LEU A 60 1.61 4.91 5.05
C LEU A 60 0.47 4.06 4.49
N PRO A 61 0.43 3.85 3.17
CA PRO A 61 -0.54 2.86 2.67
C PRO A 61 -0.37 1.49 3.34
N THR A 62 0.87 1.12 3.69
CA THR A 62 1.14 -0.17 4.33
C THR A 62 0.75 -0.20 5.80
N GLY A 63 0.38 0.96 6.35
CA GLY A 63 0.01 1.02 7.76
C GLY A 63 -1.49 0.86 8.01
N ILE A 64 -2.29 0.94 6.95
CA ILE A 64 -3.74 0.92 7.12
C ILE A 64 -4.24 -0.49 7.51
N CYS A 65 -4.83 -0.61 8.70
CA CYS A 65 -5.26 -1.91 9.25
C CYS A 65 -4.12 -2.88 9.52
N ALA A 66 -2.92 -2.33 9.73
CA ALA A 66 -1.75 -3.15 10.08
C ALA A 66 -1.55 -3.09 11.58
N PHE A 67 -0.85 -4.12 12.09
CA PHE A 67 -0.41 -4.12 13.48
C PHE A 67 1.04 -4.62 13.54
N ARG A 68 1.76 -4.12 14.53
CA ARG A 68 3.11 -4.59 14.85
CA ARG A 68 3.10 -4.59 14.84
C ARG A 68 3.16 -4.84 16.33
N GLY A 69 3.88 -5.87 16.74
CA GLY A 69 3.96 -6.19 18.14
C GLY A 69 4.69 -7.48 18.42
N LYS A 70 4.31 -8.14 19.52
CA LYS A 70 4.86 -9.44 19.88
C LYS A 70 3.77 -10.36 20.37
N VAL A 71 3.78 -11.60 19.89
CA VAL A 71 2.91 -12.61 20.46
C VAL A 71 3.35 -12.86 21.89
N THR A 72 2.38 -12.98 22.79
CA THR A 72 2.73 -13.36 24.16
C THR A 72 2.56 -14.86 24.35
N GLN A 73 1.33 -15.33 24.25
CA GLN A 73 1.05 -16.76 24.38
C GLN A 73 -0.17 -17.17 23.57
N GLN A 74 -0.32 -18.47 23.37
CA GLN A 74 -1.56 -19.01 22.86
C GLN A 74 -2.59 -18.83 23.98
N VAL A 75 -3.83 -18.55 23.62
CA VAL A 75 -4.86 -18.37 24.65
C VAL A 75 -6.07 -19.21 24.33
N GLN A 76 -6.78 -19.61 25.37
CA GLN A 76 -8.04 -20.32 25.22
C GLN A 76 -9.13 -19.38 24.72
N ASP A 77 -10.03 -19.92 23.92
CA ASP A 77 -11.16 -19.16 23.41
C ASP A 77 -12.18 -20.16 22.87
N GLU A 78 -13.46 -19.90 23.14
CA GLU A 78 -14.51 -20.84 22.76
C GLU A 78 -14.71 -20.90 21.25
N HIS A 79 -14.42 -19.80 20.57
CA HIS A 79 -14.61 -19.72 19.13
C HIS A 79 -13.66 -20.62 18.35
N ARG A 80 -14.02 -20.91 17.12
CA ARG A 80 -13.24 -21.83 16.30
C ARG A 80 -11.88 -21.27 15.94
N GLY A 81 -10.88 -22.15 15.88
CA GLY A 81 -9.54 -21.78 15.51
C GLY A 81 -8.64 -21.75 16.73
N THR A 82 -7.35 -21.54 16.50
CA THR A 82 -6.40 -21.41 17.57
C THR A 82 -6.16 -19.93 17.81
N HIS A 83 -6.17 -19.50 19.07
CA HIS A 83 -6.13 -18.08 19.38
C HIS A 83 -4.82 -17.66 20.05
N TRP A 84 -4.39 -16.43 19.78
CA TRP A 84 -3.10 -15.95 20.25
C TRP A 84 -3.27 -14.53 20.72
N ASN A 85 -2.64 -14.19 21.84
CA ASN A 85 -2.59 -12.81 22.26
C ASN A 85 -1.33 -12.15 21.75
N MET A 86 -1.45 -10.91 21.29
CA MET A 86 -0.24 -10.15 20.95
C MET A 86 -0.29 -8.73 21.54
N THR A 87 0.83 -8.30 22.10
CA THR A 87 0.97 -6.89 22.46
C THR A 87 1.14 -6.13 21.16
N VAL A 88 0.65 -4.89 21.12
CA VAL A 88 0.87 -4.04 19.96
C VAL A 88 1.61 -2.77 20.34
N THR A 89 2.47 -2.36 19.43
CA THR A 89 3.24 -1.13 19.57
C THR A 89 2.75 -0.14 18.53
N ASN A 90 3.34 1.05 18.52
CA ASN A 90 3.16 1.89 17.36
C ASN A 90 3.73 1.20 16.14
N LEU A 91 3.24 1.55 14.95
CA LEU A 91 3.77 0.90 13.76
C LEU A 91 5.27 1.13 13.55
N ASN A 92 5.80 2.23 14.08
CA ASN A 92 7.25 2.49 13.94
C ASN A 92 8.09 1.73 14.96
N GLY A 93 7.45 0.89 15.75
CA GLY A 93 8.16 0.05 16.71
C GLY A 93 8.29 0.62 18.11
N THR A 94 7.97 1.90 18.30
CA THR A 94 8.10 2.51 19.63
C THR A 94 6.92 2.05 20.46
N PRO A 95 7.07 2.01 21.79
CA PRO A 95 5.96 1.59 22.63
C PRO A 95 4.72 2.49 22.45
N PHE A 96 3.53 1.89 22.42
CA PHE A 96 2.33 2.72 22.36
C PHE A 96 2.01 3.30 23.74
N ASP A 97 1.87 4.62 23.78
CA ASP A 97 1.59 5.32 25.02
C ASP A 97 0.10 5.63 25.05
N PRO A 98 -0.65 4.92 25.90
CA PRO A 98 -2.10 5.09 25.94
C PRO A 98 -2.55 6.48 26.38
N THR A 99 -1.62 7.30 26.90
CA THR A 99 -1.95 8.68 27.25
C THR A 99 -1.91 9.62 26.05
N GLU A 100 -1.39 9.14 24.93
CA GLU A 100 -1.41 9.90 23.68
C GLU A 100 -2.87 10.21 23.32
N ASP A 101 -3.12 11.42 22.81
CA ASP A 101 -4.49 11.84 22.46
C ASP A 101 -4.94 11.26 21.12
N VAL A 102 -4.95 9.93 21.02
CA VAL A 102 -5.47 9.25 19.83
C VAL A 102 -6.38 8.13 20.28
N PRO A 103 -7.28 7.67 19.39
CA PRO A 103 -8.22 6.62 19.86
C PRO A 103 -7.56 5.27 20.09
N ALA A 104 -6.43 5.05 19.44
CA ALA A 104 -5.77 3.76 19.35
C ALA A 104 -4.50 3.97 18.54
N PRO A 105 -3.59 2.97 18.51
CA PRO A 105 -2.40 3.19 17.68
C PRO A 105 -2.79 3.56 16.26
N LEU A 106 -2.06 4.50 15.66
CA LEU A 106 -2.38 4.87 14.29
C LEU A 106 -2.33 3.65 13.37
N GLY A 107 -3.33 3.56 12.49
CA GLY A 107 -3.44 2.44 11.57
C GLY A 107 -4.44 1.39 12.04
N THR A 108 -4.82 1.42 13.31
CA THR A 108 -5.77 0.43 13.84
C THR A 108 -7.04 0.42 12.97
N PRO A 109 -7.59 -0.77 12.65
CA PRO A 109 -8.87 -0.80 11.93
C PRO A 109 -9.96 0.04 12.60
N ASP A 110 -10.83 0.63 11.76
CA ASP A 110 -11.88 1.51 12.26
C ASP A 110 -13.28 0.97 12.05
N PHE A 111 -13.41 -0.35 11.91
CA PHE A 111 -14.73 -0.92 11.70
C PHE A 111 -14.85 -2.28 12.33
N SER A 112 -16.09 -2.66 12.62
CA SER A 112 -16.44 -3.99 13.12
C SER A 112 -16.38 -5.05 12.01
N GLY A 113 -15.64 -6.13 12.26
CA GLY A 113 -15.60 -7.22 11.31
C GLY A 113 -14.53 -8.22 11.66
N GLN A 114 -14.47 -9.29 10.88
CA GLN A 114 -13.39 -10.27 10.99
C GLN A 114 -12.40 -9.95 9.89
N ILE A 115 -11.28 -9.30 10.27
CA ILE A 115 -10.28 -8.93 9.28
C ILE A 115 -9.30 -10.07 9.06
N TYR A 116 -9.22 -10.48 7.81
CA TYR A 116 -8.38 -11.58 7.37
C TYR A 116 -7.07 -11.05 6.84
N GLY A 117 -5.98 -11.73 7.19
CA GLY A 117 -4.68 -11.34 6.68
C GLY A 117 -3.66 -12.39 7.02
N VAL A 118 -2.41 -11.95 7.11
CA VAL A 118 -1.31 -12.85 7.40
C VAL A 118 -0.51 -12.30 8.57
N ILE A 119 -0.29 -13.15 9.57
CA ILE A 119 0.65 -12.87 10.65
C ILE A 119 2.02 -13.42 10.23
N SER A 120 3.07 -12.60 10.30
CA SER A 120 4.44 -13.07 10.05
C SER A 120 5.34 -12.69 11.21
N GLN A 121 6.37 -13.49 11.43
CA GLN A 121 7.34 -13.28 12.49
C GLN A 121 8.76 -13.44 11.96
N ARG A 122 9.63 -12.56 12.42
CA ARG A 122 11.07 -12.71 12.22
C ARG A 122 11.68 -12.67 13.60
N ASN A 123 12.31 -13.77 14.00
CA ASN A 123 12.80 -13.86 15.37
C ASN A 123 13.87 -12.84 15.72
N THR A 124 13.90 -12.43 16.98
CA THR A 124 14.95 -11.54 17.46
C THR A 124 16.30 -12.24 17.52
N ASN A 125 16.32 -13.46 18.06
CA ASN A 125 17.53 -14.25 18.23
C ASN A 125 17.99 -14.87 16.92
N THR A 126 19.29 -14.85 16.67
CA THR A 126 19.83 -15.43 15.45
C THR A 126 20.64 -16.68 15.75
N VAL A 127 20.89 -17.48 14.71
CA VAL A 127 21.64 -18.72 14.88
C VAL A 127 22.97 -18.69 14.14
N PRO A 128 24.08 -18.93 14.87
CA PRO A 128 25.41 -18.94 14.26
C PRO A 128 25.49 -19.91 13.08
N GLY A 129 25.03 -21.14 13.30
CA GLY A 129 25.01 -22.15 12.26
C GLY A 129 24.23 -21.77 11.03
N GLU A 130 23.31 -20.83 11.17
CA GLU A 130 22.51 -20.37 10.02
C GLU A 130 23.07 -19.06 9.45
N GLY A 131 24.34 -18.79 9.73
CA GLY A 131 24.97 -17.57 9.25
C GLY A 131 24.53 -16.34 10.03
N ASN A 132 24.27 -16.53 11.33
CA ASN A 132 23.77 -15.44 12.17
C ASN A 132 22.47 -14.84 11.63
N LEU A 133 21.52 -15.70 11.26
CA LEU A 133 20.23 -15.26 10.75
C LEU A 133 19.09 -15.82 11.59
N PRO A 134 17.95 -15.13 11.61
CA PRO A 134 16.81 -15.54 12.42
C PRO A 134 15.83 -16.44 11.69
N ALA A 135 15.09 -17.25 12.46
CA ALA A 135 14.04 -18.11 11.94
C ALA A 135 12.76 -17.28 11.73
N ASN A 136 11.94 -17.71 10.78
CA ASN A 136 10.72 -16.98 10.37
C ASN A 136 9.53 -17.91 10.23
N ARG A 137 8.33 -17.35 10.36
CA ARG A 137 7.14 -18.08 9.97
C ARG A 137 6.00 -17.12 9.65
N ALA A 138 5.07 -17.55 8.81
CA ALA A 138 3.87 -16.75 8.52
C ALA A 138 2.69 -17.68 8.35
N HIS A 139 1.50 -17.23 8.77
CA HIS A 139 0.27 -18.00 8.63
C HIS A 139 -0.90 -17.06 8.47
N GLU A 140 -1.93 -17.55 7.78
CA GLU A 140 -3.17 -16.78 7.72
C GLU A 140 -3.74 -16.58 9.13
N ALA A 141 -4.40 -15.46 9.30
CA ALA A 141 -4.92 -15.08 10.61
C ALA A 141 -6.17 -14.21 10.46
N VAL A 142 -6.99 -14.18 11.51
CA VAL A 142 -8.19 -13.34 11.55
C VAL A 142 -8.18 -12.53 12.84
N ILE A 143 -8.56 -11.25 12.73
CA ILE A 143 -8.74 -10.40 13.90
C ILE A 143 -10.19 -9.96 13.94
N ALA A 144 -10.90 -10.36 14.98
CA ALA A 144 -12.28 -9.98 15.13
C ALA A 144 -12.32 -8.68 15.93
N THR A 145 -12.61 -7.56 15.25
CA THR A 145 -12.42 -6.26 15.88
C THR A 145 -13.56 -5.90 16.82
N TYR A 146 -14.63 -6.69 16.79
CA TYR A 146 -15.77 -6.48 17.70
C TYR A 146 -15.60 -7.29 18.99
N SER A 147 -14.53 -8.09 19.07
CA SER A 147 -14.29 -8.98 20.22
C SER A 147 -13.92 -8.19 21.49
N PRO A 148 -14.37 -8.65 22.66
CA PRO A 148 -13.91 -7.99 23.88
C PRO A 148 -12.39 -8.10 24.08
N LYS A 149 -11.72 -8.98 23.33
CA LYS A 149 -10.27 -9.12 23.44
C LYS A 149 -9.50 -8.18 22.49
N PHE A 150 -10.25 -7.42 21.69
CA PHE A 150 -9.66 -6.44 20.78
C PHE A 150 -9.51 -5.14 21.56
N THR A 151 -8.35 -4.92 22.15
CA THR A 151 -8.13 -3.74 22.97
C THR A 151 -6.86 -2.99 22.59
N PRO A 152 -6.79 -2.56 21.33
CA PRO A 152 -5.55 -1.92 20.87
C PRO A 152 -5.15 -0.66 21.67
N LYS A 153 -6.12 0.09 22.17
CA LYS A 153 -5.79 1.26 23.00
C LYS A 153 -5.11 0.86 24.31
N LEU A 154 -5.36 -0.35 24.77
CA LEU A 154 -4.66 -0.90 25.94
C LEU A 154 -3.35 -1.61 25.57
N GLY A 155 -3.02 -1.62 24.29
CA GLY A 155 -1.78 -2.20 23.81
C GLY A 155 -1.82 -3.71 23.62
N ASN A 156 -3.01 -4.25 23.41
CA ASN A 156 -3.18 -5.70 23.35
C ASN A 156 -4.33 -6.13 22.45
N ILE A 157 -4.08 -7.08 21.54
CA ILE A 157 -5.18 -7.66 20.74
C ILE A 157 -5.02 -9.17 20.65
N GLN A 158 -6.05 -9.82 20.14
CA GLN A 158 -6.00 -11.25 19.90
C GLN A 158 -6.24 -11.55 18.42
N PHE A 159 -5.61 -12.60 17.92
CA PHE A 159 -5.92 -13.07 16.56
C PHE A 159 -6.10 -14.59 16.57
N SER A 160 -6.77 -15.11 15.56
CA SER A 160 -6.95 -16.55 15.43
C SER A 160 -6.28 -17.05 14.16
N THR A 161 -5.87 -18.31 14.18
CA THR A 161 -5.23 -18.95 13.04
C THR A 161 -5.90 -20.29 12.77
N TRP A 162 -5.80 -20.75 11.53
CA TRP A 162 -6.10 -22.13 11.23
C TRP A 162 -4.95 -23.03 11.72
N GLU A 163 -3.71 -22.58 11.52
CA GLU A 163 -2.50 -23.19 12.06
C GLU A 163 -2.65 -23.44 13.56
N THR A 164 -2.27 -24.63 14.01
CA THR A 164 -2.54 -25.01 15.40
C THR A 164 -1.39 -24.78 16.38
N GLN A 165 -0.17 -24.59 15.88
CA GLN A 165 0.97 -24.52 16.80
C GLN A 165 2.13 -23.61 16.39
N ASP A 166 2.26 -23.34 15.10
CA ASP A 166 3.47 -22.71 14.57
C ASP A 166 3.44 -21.19 14.63
N VAL A 167 3.20 -20.66 15.83
CA VAL A 167 3.32 -19.24 16.09
C VAL A 167 4.14 -19.15 17.36
N SER A 168 5.20 -18.33 17.34
CA SER A 168 6.15 -18.30 18.45
C SER A 168 5.91 -17.20 19.46
N SER A 169 6.04 -17.56 20.73
CA SER A 169 5.91 -16.61 21.83
C SER A 169 7.12 -15.70 21.91
N GLY A 170 6.87 -14.44 22.21
CA GLY A 170 7.91 -13.47 22.46
C GLY A 170 8.67 -12.99 21.23
N GLN A 171 8.12 -13.23 20.04
CA GLN A 171 8.85 -12.85 18.83
C GLN A 171 8.16 -11.71 18.09
N PRO A 172 8.95 -10.86 17.42
CA PRO A 172 8.39 -9.75 16.64
C PRO A 172 7.38 -10.26 15.62
N THR A 173 6.23 -9.58 15.55
CA THR A 173 5.09 -10.04 14.80
C THR A 173 4.45 -8.89 14.01
N LYS A 174 4.08 -9.18 12.76
CA LYS A 174 3.47 -8.23 11.86
C LYS A 174 2.15 -8.80 11.38
N PHE A 175 1.10 -7.97 11.38
CA PHE A 175 -0.12 -8.34 10.67
C PHE A 175 -0.26 -7.56 9.36
N THR A 176 -0.35 -8.29 8.24
CA THR A 176 -0.57 -7.70 6.91
C THR A 176 -2.02 -7.98 6.55
N PRO A 177 -2.84 -6.94 6.46
CA PRO A 177 -4.27 -7.17 6.13
C PRO A 177 -4.46 -7.56 4.67
N VAL A 178 -5.44 -8.43 4.41
CA VAL A 178 -5.77 -8.86 3.04
C VAL A 178 -7.24 -8.65 2.69
N GLY A 179 -8.14 -8.96 3.62
CA GLY A 179 -9.57 -8.75 3.34
C GLY A 179 -10.37 -9.06 4.58
N LEU A 180 -11.54 -9.68 4.35
CA LEU A 180 -12.41 -10.09 5.45
C LEU A 180 -12.53 -11.60 5.47
N ALA A 181 -12.77 -12.17 6.65
CA ALA A 181 -12.92 -13.62 6.74
C ALA A 181 -14.27 -14.11 6.25
N SER A 182 -15.28 -13.25 6.43
CA SER A 182 -16.68 -13.61 6.23
C SER A 182 -17.47 -12.33 6.33
N VAL A 183 -18.63 -12.30 5.70
CA VAL A 183 -19.64 -11.28 5.98
C VAL A 183 -20.99 -11.90 6.36
N ASP A 184 -20.95 -13.16 6.80
CA ASP A 184 -22.18 -13.76 7.31
C ASP A 184 -22.67 -12.93 8.51
N ALA A 185 -23.94 -13.07 8.86
CA ALA A 185 -24.46 -12.33 10.02
C ALA A 185 -23.60 -12.57 11.27
N ASN A 186 -23.16 -13.80 11.47
CA ASN A 186 -22.40 -14.12 12.67
C ASN A 186 -20.98 -13.54 12.71
N SER A 187 -20.61 -12.80 11.66
CA SER A 187 -19.24 -12.25 11.58
C SER A 187 -19.23 -10.74 11.79
N HIS A 188 -20.42 -10.16 11.95
CA HIS A 188 -20.56 -8.79 12.42
C HIS A 188 -19.79 -7.75 11.62
N PHE A 189 -19.88 -7.85 10.31
CA PHE A 189 -19.30 -6.83 9.46
C PHE A 189 -20.22 -5.61 9.40
N ASP A 190 -19.72 -4.47 9.88
CA ASP A 190 -20.46 -3.22 9.74
C ASP A 190 -19.41 -2.12 9.63
N GLN A 191 -19.26 -1.57 8.44
CA GLN A 191 -18.17 -0.61 8.20
C GLN A 191 -18.28 0.71 8.97
N TRP A 192 -19.47 1.05 9.47
CA TRP A 192 -19.65 2.27 10.22
C TRP A 192 -19.71 2.07 11.74
N THR A 193 -19.59 0.82 12.19
CA THR A 193 -19.55 0.53 13.62
C THR A 193 -18.10 0.52 14.08
N LEU A 194 -17.74 1.43 14.99
CA LEU A 194 -16.37 1.53 15.45
C LEU A 194 -16.09 0.38 16.41
N PRO A 195 -14.85 -0.13 16.38
CA PRO A 195 -14.47 -1.02 17.47
C PRO A 195 -14.51 -0.26 18.79
N SER A 196 -14.60 -1.02 19.89
CA SER A 196 -14.38 -0.46 21.22
C SER A 196 -12.91 -0.60 21.52
N TYR A 197 -12.16 0.47 21.31
CA TYR A 197 -10.71 0.35 21.28
C TYR A 197 -10.10 -0.07 22.60
N SER A 198 -10.78 0.20 23.73
CA SER A 198 -10.29 -0.20 25.06
C SER A 198 -11.08 -1.33 25.68
N GLY A 199 -11.96 -1.94 24.90
CA GLY A 199 -12.72 -3.05 25.42
C GLY A 199 -14.21 -2.78 25.52
N ALA A 200 -14.96 -3.86 25.69
CA ALA A 200 -16.39 -3.76 25.86
C ALA A 200 -16.67 -2.85 27.05
N LEU A 201 -17.60 -1.95 26.85
CA LEU A 201 -18.09 -1.11 27.94
C LEU A 201 -17.29 0.16 28.19
N THR A 202 -16.18 0.37 27.48
CA THR A 202 -15.46 1.63 27.62
C THR A 202 -15.76 2.56 26.47
N LEU A 203 -15.78 3.86 26.75
CA LEU A 203 -16.07 4.86 25.73
C LEU A 203 -14.81 5.19 24.93
N ASN A 204 -14.89 5.12 23.61
CA ASN A 204 -13.79 5.55 22.77
C ASN A 204 -13.52 7.04 22.99
N MET A 205 -12.26 7.45 22.81
CA MET A 205 -11.91 8.86 22.98
C MET A 205 -11.05 9.38 21.84
N ASN A 206 -10.91 10.71 21.80
CA ASN A 206 -10.08 11.36 20.80
C ASN A 206 -10.48 11.09 19.35
N LEU A 207 -11.77 10.87 19.12
CA LEU A 207 -12.24 10.50 17.77
C LEU A 207 -12.30 11.69 16.82
N ALA A 208 -12.00 11.41 15.56
CA ALA A 208 -12.37 12.33 14.50
C ALA A 208 -13.89 12.45 14.51
N PRO A 209 -14.41 13.63 14.17
CA PRO A 209 -15.86 13.87 14.31
C PRO A 209 -16.68 13.16 13.24
N SER A 210 -17.95 12.93 13.52
CA SER A 210 -18.85 12.40 12.52
C SER A 210 -19.00 13.40 11.38
N VAL A 211 -19.39 12.92 10.19
CA VAL A 211 -19.58 13.79 9.04
C VAL A 211 -20.97 13.56 8.46
N ALA A 212 -21.54 14.61 7.88
CA ALA A 212 -22.88 14.51 7.32
C ALA A 212 -23.16 15.70 6.42
N PRO A 213 -24.12 15.54 5.48
CA PRO A 213 -24.56 16.71 4.71
C PRO A 213 -25.42 17.58 5.61
N VAL A 214 -25.40 18.88 5.39
CA VAL A 214 -26.18 19.79 6.23
C VAL A 214 -27.07 20.65 5.35
N PHE A 215 -27.09 20.30 4.07
CA PHE A 215 -27.78 21.07 3.06
C PHE A 215 -28.80 20.15 2.39
N PRO A 216 -30.06 20.60 2.31
CA PRO A 216 -31.10 19.76 1.70
C PRO A 216 -30.72 19.33 0.28
N GLY A 217 -30.99 18.07 -0.06
CA GLY A 217 -30.70 17.58 -1.38
C GLY A 217 -29.30 17.00 -1.51
N GLU A 218 -28.48 17.21 -0.48
CA GLU A 218 -27.10 16.74 -0.53
C GLU A 218 -26.89 15.44 0.24
N CYS A 219 -25.93 14.64 -0.23
CA CYS A 219 -25.52 13.40 0.43
C CYS A 219 -24.01 13.29 0.39
N LEU A 220 -23.48 12.42 1.25
CA LEU A 220 -22.04 12.11 1.23
C LEU A 220 -21.64 11.42 -0.09
N LEU A 221 -20.44 11.72 -0.55
CA LEU A 221 -19.87 11.02 -1.70
C LEU A 221 -18.64 10.27 -1.23
N PHE A 222 -18.61 8.97 -1.49
CA PHE A 222 -17.51 8.09 -1.04
C PHE A 222 -16.64 7.59 -2.18
N PHE A 223 -15.38 7.29 -1.85
CA PHE A 223 -14.48 6.52 -2.69
C PHE A 223 -14.59 5.07 -2.19
N ARG A 224 -15.20 4.22 -3.00
CA ARG A 224 -15.53 2.85 -2.62
C ARG A 224 -14.55 1.84 -3.20
N SER A 225 -14.16 0.87 -2.39
CA SER A 225 -13.37 -0.26 -2.84
C SER A 225 -14.05 -1.56 -2.44
N PHE A 226 -13.97 -2.57 -3.31
CA PHE A 226 -14.44 -3.89 -2.91
C PHE A 226 -13.34 -4.70 -2.23
N ILE A 227 -13.71 -5.34 -1.13
CA ILE A 227 -12.74 -5.98 -0.25
C ILE A 227 -12.80 -7.50 -0.42
N PRO A 228 -11.63 -8.17 -0.52
CA PRO A 228 -11.66 -9.64 -0.73
C PRO A 228 -12.24 -10.39 0.46
N LEU A 229 -12.75 -11.60 0.18
CA LEU A 229 -13.29 -12.50 1.20
C LEU A 229 -12.58 -13.84 1.22
N LYS A 230 -12.27 -14.33 2.42
CA LYS A 230 -11.68 -15.68 2.57
C LYS A 230 -12.65 -16.80 2.17
N GLY A 231 -13.93 -16.59 2.43
CA GLY A 231 -14.96 -17.56 2.05
C GLY A 231 -16.34 -16.96 2.24
N GLY A 232 -17.35 -17.65 1.72
CA GLY A 232 -18.72 -17.22 1.88
C GLY A 232 -19.24 -16.38 0.74
N TYR A 233 -20.53 -16.07 0.79
CA TYR A 233 -21.16 -15.25 -0.21
C TYR A 233 -21.03 -13.80 0.19
N GLY A 234 -20.94 -12.93 -0.80
CA GLY A 234 -20.92 -11.51 -0.54
C GLY A 234 -20.08 -10.73 -1.54
N ASN A 235 -20.35 -9.43 -1.58
CA ASN A 235 -19.55 -8.49 -2.34
C ASN A 235 -19.29 -7.28 -1.48
N PRO A 236 -18.61 -7.48 -0.35
CA PRO A 236 -18.44 -6.38 0.60
C PRO A 236 -17.55 -5.25 0.06
N ALA A 237 -17.86 -4.04 0.53
CA ALA A 237 -17.19 -2.81 0.14
C ALA A 237 -16.79 -2.00 1.37
N ILE A 238 -15.73 -1.19 1.22
CA ILE A 238 -15.27 -0.25 2.23
C ILE A 238 -15.24 1.12 1.59
N ASP A 239 -15.98 2.07 2.17
CA ASP A 239 -16.13 3.40 1.64
C ASP A 239 -15.27 4.38 2.43
N CYS A 240 -14.40 5.13 1.76
CA CYS A 240 -13.63 6.13 2.49
C CYS A 240 -14.01 7.55 2.08
N LEU A 241 -13.70 8.50 2.94
CA LEU A 241 -14.11 9.89 2.71
C LEU A 241 -13.19 10.60 1.72
N MET A 242 -11.91 10.24 1.76
CA MET A 242 -10.90 10.74 0.84
C MET A 242 -9.90 9.62 0.66
N PRO A 243 -9.34 9.50 -0.54
CA PRO A 243 -8.32 8.45 -0.72
C PRO A 243 -7.02 8.75 0.03
N GLN A 244 -6.17 7.74 0.19
CA GLN A 244 -4.94 7.92 0.94
C GLN A 244 -4.02 8.97 0.30
N GLU A 245 -4.03 9.05 -1.03
CA GLU A 245 -3.19 10.04 -1.71
C GLU A 245 -3.62 11.46 -1.37
N TRP A 246 -4.92 11.68 -1.14
CA TRP A 246 -5.37 13.00 -0.73
C TRP A 246 -4.91 13.34 0.68
N VAL A 247 -4.97 12.36 1.58
CA VAL A 247 -4.44 12.53 2.93
C VAL A 247 -2.97 12.91 2.84
N GLN A 248 -2.21 12.20 2.02
CA GLN A 248 -0.78 12.47 1.89
C GLN A 248 -0.54 13.87 1.35
N HIS A 249 -1.34 14.28 0.38
CA HIS A 249 -1.16 15.58 -0.28
C HIS A 249 -1.53 16.73 0.66
N LEU A 250 -2.68 16.63 1.32
CA LEU A 250 -3.13 17.68 2.22
C LEU A 250 -2.15 17.84 3.37
N TYR A 251 -1.63 16.74 3.87
CA TYR A 251 -0.72 16.77 5.01
C TYR A 251 0.51 17.59 4.67
N GLN A 252 1.02 17.37 3.46
CA GLN A 252 2.24 18.04 3.06
C GLN A 252 2.06 19.50 2.71
N GLU A 253 0.95 19.85 2.07
CA GLU A 253 0.73 21.22 1.62
C GLU A 253 0.38 22.14 2.78
N SER A 254 -0.43 21.63 3.71
CA SER A 254 -0.85 22.43 4.85
C SER A 254 -1.32 23.80 4.40
N ALA A 255 -2.14 23.84 3.36
CA ALA A 255 -2.64 25.09 2.81
C ALA A 255 -3.76 25.61 3.69
N PRO A 256 -3.72 26.89 4.04
CA PRO A 256 -4.81 27.47 4.86
C PRO A 256 -6.17 27.33 4.19
N SER A 257 -7.18 26.91 4.95
CA SER A 257 -8.56 26.83 4.45
C SER A 257 -9.19 28.22 4.50
N LEU A 258 -9.66 28.70 3.35
CA LEU A 258 -10.16 30.08 3.25
C LEU A 258 -11.66 30.20 3.49
N SER A 259 -12.33 29.05 3.52
CA SER A 259 -13.72 28.97 3.97
C SER A 259 -13.94 27.55 4.47
N ASP A 260 -15.17 27.22 4.82
CA ASP A 260 -15.48 25.88 5.31
C ASP A 260 -15.71 24.89 4.17
N VAL A 261 -15.81 25.40 2.94
CA VAL A 261 -16.08 24.53 1.80
C VAL A 261 -15.32 24.87 0.52
N ALA A 262 -14.59 23.90 -0.01
CA ALA A 262 -13.94 24.04 -1.31
C ALA A 262 -14.83 23.45 -2.43
N LEU A 263 -15.15 24.26 -3.43
CA LEU A 263 -15.92 23.76 -4.57
C LEU A 263 -14.97 23.04 -5.51
N VAL A 264 -15.27 21.79 -5.82
CA VAL A 264 -14.46 21.00 -6.73
C VAL A 264 -15.31 20.49 -7.89
N ARG A 265 -14.66 20.28 -9.02
CA ARG A 265 -15.35 19.78 -10.21
CA ARG A 265 -15.36 19.77 -10.20
C ARG A 265 -14.71 18.47 -10.65
N TYR A 266 -15.54 17.48 -10.96
CA TYR A 266 -15.01 16.21 -11.47
C TYR A 266 -14.89 16.35 -12.97
N VAL A 267 -13.66 16.30 -13.47
CA VAL A 267 -13.36 16.61 -14.85
C VAL A 267 -12.91 15.38 -15.64
N ASN A 268 -13.40 15.29 -16.87
CA ASN A 268 -12.86 14.35 -17.83
C ASN A 268 -11.86 15.11 -18.68
N PRO A 269 -10.57 14.92 -18.39
CA PRO A 269 -9.52 15.72 -19.03
C PRO A 269 -9.50 15.52 -20.54
N GLU A 270 -9.70 14.28 -20.97
CA GLU A 270 -9.70 13.95 -22.39
C GLU A 270 -10.70 14.80 -23.16
N THR A 271 -11.84 15.06 -22.53
CA THR A 271 -12.88 15.88 -23.15
C THR A 271 -12.83 17.31 -22.65
N GLY A 272 -12.22 17.51 -21.48
CA GLY A 272 -12.06 18.83 -20.91
C GLY A 272 -13.28 19.36 -20.17
N ARG A 273 -14.34 18.55 -20.11
CA ARG A 273 -15.60 19.00 -19.53
C ARG A 273 -15.85 18.53 -18.09
N THR A 274 -16.67 19.29 -17.38
CA THR A 274 -17.09 18.96 -16.03
C THR A 274 -18.21 17.94 -16.05
N LEU A 275 -18.04 16.82 -15.34
CA LEU A 275 -19.08 15.79 -15.26
C LEU A 275 -20.08 16.09 -14.13
N PHE A 276 -19.59 16.61 -13.02
CA PHE A 276 -20.45 17.05 -11.92
C PHE A 276 -19.61 17.89 -10.96
N GLU A 277 -20.28 18.60 -10.06
CA GLU A 277 -19.55 19.33 -9.02
C GLU A 277 -19.86 18.78 -7.65
N ALA A 278 -18.97 19.05 -6.69
CA ALA A 278 -19.14 18.56 -5.32
C ALA A 278 -18.60 19.60 -4.35
N LYS A 279 -19.02 19.53 -3.09
CA LYS A 279 -18.42 20.32 -2.03
C LYS A 279 -17.40 19.51 -1.26
N LEU A 280 -16.20 20.05 -1.12
CA LEU A 280 -15.17 19.43 -0.28
C LEU A 280 -15.07 20.19 1.04
N HIS A 281 -15.51 19.56 2.10
CA HIS A 281 -15.69 20.22 3.38
C HIS A 281 -14.39 20.27 4.17
N ARG A 282 -14.28 21.31 5.00
CA ARG A 282 -13.07 21.57 5.79
C ARG A 282 -12.57 20.35 6.56
N ASN A 283 -13.48 19.57 7.12
CA ASN A 283 -13.08 18.39 7.92
C ASN A 283 -12.62 17.20 7.10
N GLY A 284 -12.73 17.27 5.77
CA GLY A 284 -12.13 16.29 4.88
C GLY A 284 -13.14 15.27 4.37
N PHE A 285 -14.19 15.76 3.73
CA PHE A 285 -15.19 14.88 3.12
C PHE A 285 -15.99 15.63 2.05
N LEU A 286 -16.63 14.86 1.18
CA LEU A 286 -17.34 15.40 0.02
C LEU A 286 -18.84 15.22 0.15
N THR A 287 -19.57 16.22 -0.32
CA THR A 287 -21.00 16.04 -0.58
C THR A 287 -21.36 16.39 -2.02
N VAL A 288 -22.42 15.77 -2.52
CA VAL A 288 -22.96 16.08 -3.84
C VAL A 288 -24.47 16.26 -3.73
N ALA A 289 -25.07 16.86 -4.75
CA ALA A 289 -26.54 16.95 -4.85
C ALA A 289 -27.03 15.78 -5.70
N ARG A 290 -27.42 14.71 -5.04
CA ARG A 290 -27.84 13.49 -5.71
C ARG A 290 -28.91 12.85 -4.83
N ASN A 291 -29.95 12.28 -5.44
CA ASN A 291 -31.03 11.70 -4.66
C ASN A 291 -31.18 10.20 -4.87
N SER A 292 -30.06 9.53 -5.14
CA SER A 292 -30.06 8.09 -5.34
C SER A 292 -28.84 7.47 -4.71
N ALA A 293 -28.90 6.15 -4.50
CA ALA A 293 -27.81 5.37 -3.96
C ALA A 293 -27.17 4.58 -5.09
N GLY A 294 -25.89 4.29 -4.96
CA GLY A 294 -25.22 3.46 -5.93
C GLY A 294 -23.99 4.10 -6.52
N PRO A 295 -23.35 3.39 -7.45
CA PRO A 295 -22.14 3.92 -8.06
C PRO A 295 -22.41 5.15 -8.92
N VAL A 296 -21.37 5.96 -9.05
CA VAL A 296 -21.34 7.03 -10.04
C VAL A 296 -20.69 6.48 -11.29
N VAL A 297 -21.40 6.53 -12.40
CA VAL A 297 -20.89 5.99 -13.63
C VAL A 297 -20.15 7.06 -14.41
N ALA A 298 -18.83 6.90 -14.49
CA ALA A 298 -17.96 7.88 -15.11
C ALA A 298 -16.59 7.23 -15.31
N PRO A 299 -15.82 7.72 -16.27
CA PRO A 299 -14.49 7.19 -16.60
C PRO A 299 -13.52 7.21 -15.43
N THR A 300 -12.71 6.16 -15.31
CA THR A 300 -11.74 6.07 -14.21
C THR A 300 -10.56 7.02 -14.39
N ASN A 301 -10.49 7.69 -15.53
CA ASN A 301 -9.47 8.70 -15.77
C ASN A 301 -9.94 10.10 -15.36
N GLY A 302 -11.11 10.18 -14.75
CA GLY A 302 -11.63 11.45 -14.27
C GLY A 302 -10.95 11.83 -12.98
N TYR A 303 -10.97 13.12 -12.64
CA TYR A 303 -10.39 13.56 -11.38
C TYR A 303 -11.06 14.83 -10.89
N PHE A 304 -10.96 15.05 -9.58
CA PHE A 304 -11.45 16.29 -8.98
C PHE A 304 -10.45 17.43 -9.13
N ARG A 305 -10.97 18.56 -9.59
CA ARG A 305 -10.18 19.79 -9.73
CA ARG A 305 -10.17 19.79 -9.71
C ARG A 305 -10.73 20.86 -8.79
N PHE A 306 -9.86 21.48 -8.00
CA PHE A 306 -10.28 22.57 -7.12
C PHE A 306 -10.65 23.80 -7.95
N ASP A 307 -11.83 24.35 -7.68
CA ASP A 307 -12.33 25.50 -8.41
C ASP A 307 -12.18 26.78 -7.58
N SER A 308 -12.77 26.78 -6.39
CA SER A 308 -12.79 27.97 -5.55
C SER A 308 -13.34 27.67 -4.15
N TRP A 309 -12.99 28.53 -3.21
CA TRP A 309 -13.61 28.52 -1.89
C TRP A 309 -15.01 29.14 -1.95
N VAL A 310 -16.00 28.46 -1.38
CA VAL A 310 -17.37 28.96 -1.39
C VAL A 310 -17.95 29.00 0.03
N ASN A 311 -19.09 29.63 0.19
CA ASN A 311 -19.66 29.80 1.52
C ASN A 311 -20.77 28.81 1.86
N GLN A 312 -21.46 29.07 2.97
CA GLN A 312 -22.43 28.12 3.52
C GLN A 312 -23.73 28.08 2.72
N PHE A 313 -23.86 28.96 1.74
CA PHE A 313 -25.11 29.07 0.98
C PHE A 313 -25.02 28.42 -0.40
N TYR A 314 -23.82 28.02 -0.82
CA TYR A 314 -23.64 27.55 -2.19
C TYR A 314 -24.50 26.35 -2.55
N THR A 315 -25.16 26.41 -3.71
CA THR A 315 -26.03 25.34 -4.17
C THR A 315 -25.40 24.57 -5.32
N LEU A 316 -25.22 23.26 -5.14
CA LEU A 316 -24.61 22.42 -6.15
C LEU A 316 -25.58 22.14 -7.28
N ALA A 317 -25.09 22.13 -8.51
CA ALA A 317 -25.85 21.57 -9.63
C ALA A 317 -26.08 20.09 -9.36
N PRO A 318 -27.31 19.61 -9.58
CA PRO A 318 -27.61 18.19 -9.41
C PRO A 318 -26.76 17.32 -10.36
N MET A 319 -26.30 16.17 -9.88
CA MET A 319 -25.50 15.27 -10.70
C MET A 319 -26.25 14.76 -11.93
N SER B 5 10.11 27.90 -15.96
CA SER B 5 9.67 26.52 -15.86
C SER B 5 8.96 26.25 -14.53
N LYS B 6 8.69 24.98 -14.26
CA LYS B 6 8.14 24.57 -12.97
C LYS B 6 9.28 24.02 -12.11
N PRO B 7 9.55 24.67 -10.97
CA PRO B 7 10.70 24.26 -10.15
C PRO B 7 10.58 22.83 -9.62
N PHE B 8 11.74 22.17 -9.48
CA PHE B 8 11.77 20.80 -9.01
C PHE B 8 11.69 20.71 -7.49
N THR B 9 10.87 19.78 -7.01
CA THR B 9 10.69 19.54 -5.59
C THR B 9 10.59 18.04 -5.31
N LEU B 10 10.92 17.66 -4.08
CA LEU B 10 10.65 16.33 -3.56
C LEU B 10 9.58 16.45 -2.47
N PRO B 11 8.84 15.36 -2.21
CA PRO B 11 7.93 15.42 -1.05
C PRO B 11 8.70 15.67 0.25
N ILE B 12 8.03 16.21 1.27
CA ILE B 12 8.65 16.39 2.58
C ILE B 12 8.27 15.29 3.56
N LEU B 13 7.90 14.13 3.03
CA LEU B 13 7.66 12.97 3.85
C LEU B 13 8.99 12.43 4.42
N THR B 14 9.03 12.11 5.71
CA THR B 14 10.21 11.52 6.36
C THR B 14 10.42 10.02 6.03
N LEU B 15 11.52 9.42 6.47
CA LEU B 15 11.78 8.01 6.15
C LEU B 15 10.67 7.10 6.67
N GLY B 16 10.17 7.43 7.86
CA GLY B 16 9.09 6.66 8.46
C GLY B 16 7.72 7.00 7.89
N GLU B 17 7.70 7.81 6.84
CA GLU B 17 6.45 8.17 6.14
C GLU B 17 6.53 7.78 4.66
N LEU B 18 7.49 6.92 4.31
CA LEU B 18 7.72 6.49 2.93
C LEU B 18 7.51 4.99 2.76
N THR B 19 7.12 4.58 1.56
CA THR B 19 6.98 3.15 1.28
C THR B 19 7.81 2.71 0.07
N ASN B 20 8.14 1.44 0.04
CA ASN B 20 8.97 0.86 -1.00
C ASN B 20 8.19 0.82 -2.32
N SER B 21 8.88 1.07 -3.42
CA SER B 21 8.24 1.04 -4.74
C SER B 21 8.37 -0.33 -5.41
N ARG B 22 9.06 -1.29 -4.78
CA ARG B 22 9.29 -2.60 -5.40
C ARG B 22 8.56 -3.72 -4.66
N PHE B 23 8.08 -3.44 -3.46
CA PHE B 23 7.24 -4.39 -2.70
C PHE B 23 6.44 -3.58 -1.70
N PRO B 24 5.20 -4.00 -1.35
CA PRO B 24 4.39 -3.19 -0.42
C PRO B 24 4.86 -3.28 1.04
N LEU B 25 5.87 -2.48 1.34
CA LEU B 25 6.54 -2.45 2.63
C LEU B 25 6.87 -1.00 2.97
N PRO B 26 6.92 -0.66 4.27
CA PRO B 26 7.44 0.65 4.65
C PRO B 26 8.96 0.72 4.39
N ILE B 27 9.50 1.91 4.14
CA ILE B 27 10.96 2.04 4.15
C ILE B 27 11.49 1.93 5.57
N ASP B 28 12.50 1.09 5.74
CA ASP B 28 13.09 0.87 7.07
C ASP B 28 14.38 1.68 7.25
N VAL B 29 15.29 1.64 6.28
CA VAL B 29 16.54 2.36 6.39
C VAL B 29 17.04 2.78 5.02
N LEU B 30 17.93 3.77 5.00
CA LEU B 30 18.72 4.06 3.81
C LEU B 30 19.92 3.14 3.83
N TYR B 31 20.43 2.77 2.65
CA TYR B 31 21.37 1.65 2.57
C TYR B 31 22.35 1.76 1.40
N THR B 32 23.61 1.39 1.62
CA THR B 32 24.56 1.30 0.49
C THR B 32 25.23 -0.08 0.45
N ASN B 33 25.74 -0.42 -0.74
CA ASN B 33 26.50 -1.63 -0.97
C ASN B 33 27.46 -1.44 -2.15
N PRO B 34 28.57 -0.75 -1.91
CA PRO B 34 29.46 -0.34 -3.00
C PRO B 34 30.00 -1.50 -3.83
N ASN B 35 30.17 -2.67 -3.23
CA ASN B 35 30.83 -3.79 -3.91
C ASN B 35 29.88 -4.71 -4.65
N GLU B 36 28.62 -4.30 -4.75
CA GLU B 36 27.63 -5.04 -5.53
C GLU B 36 28.16 -5.51 -6.87
N SER B 37 28.05 -6.80 -7.14
CA SER B 37 28.54 -7.34 -8.41
C SER B 37 27.48 -7.39 -9.51
N ALA B 38 26.22 -7.33 -9.10
CA ALA B 38 25.11 -7.37 -10.06
C ALA B 38 24.86 -6.03 -10.76
N ILE B 39 24.38 -6.11 -11.98
CA ILE B 39 23.83 -4.93 -12.65
C ILE B 39 22.49 -4.57 -11.98
N VAL B 40 22.34 -3.30 -11.64
CA VAL B 40 21.11 -2.81 -10.99
C VAL B 40 20.19 -2.25 -12.05
N GLN B 41 19.07 -2.96 -12.28
CA GLN B 41 18.17 -2.62 -13.38
C GLN B 41 16.74 -3.03 -13.01
N CYS B 42 16.34 -2.68 -11.79
CA CYS B 42 14.96 -2.97 -11.39
C CYS B 42 13.97 -2.22 -12.28
N GLN B 43 12.75 -2.72 -12.31
CA GLN B 43 11.75 -2.24 -13.25
C GLN B 43 10.55 -1.59 -12.56
N ASN B 44 10.38 -1.84 -11.26
CA ASN B 44 9.38 -1.11 -10.47
C ASN B 44 10.11 0.00 -9.71
N GLY B 45 9.39 1.06 -9.36
CA GLY B 45 10.02 2.22 -8.74
C GLY B 45 10.92 2.99 -9.70
N ARG B 46 10.55 3.04 -10.97
CA ARG B 46 11.36 3.72 -11.99
C ARG B 46 10.59 4.90 -12.55
N CYS B 47 11.19 6.08 -12.42
CA CYS B 47 10.54 7.28 -12.88
C CYS B 47 11.63 8.32 -13.07
N THR B 48 11.58 9.01 -14.20
CA THR B 48 12.57 10.07 -14.42
C THR B 48 12.22 11.29 -13.56
N LEU B 49 13.19 12.19 -13.37
CA LEU B 49 12.92 13.35 -12.52
C LEU B 49 11.84 14.27 -13.11
N ASP B 50 11.62 14.20 -14.43
CA ASP B 50 10.56 15.00 -15.03
C ASP B 50 9.22 14.27 -15.17
N GLY B 51 9.13 13.11 -14.52
CA GLY B 51 7.84 12.45 -14.29
C GLY B 51 7.41 11.40 -15.29
N GLU B 52 8.35 10.83 -16.02
CA GLU B 52 8.05 9.76 -16.98
C GLU B 52 8.24 8.40 -16.29
N LEU B 53 7.15 7.65 -16.14
CA LEU B 53 7.24 6.31 -15.57
C LEU B 53 7.95 5.38 -16.54
N GLN B 54 8.77 4.48 -16.01
CA GLN B 54 9.50 3.54 -16.86
C GLN B 54 9.35 2.10 -16.39
N GLY B 55 9.85 1.17 -17.19
CA GLY B 55 9.76 -0.24 -16.85
C GLY B 55 8.32 -0.70 -16.67
N THR B 56 8.05 -1.39 -15.56
CA THR B 56 6.70 -1.86 -15.22
C THR B 56 6.05 -1.00 -14.14
N THR B 57 6.55 0.21 -13.96
CA THR B 57 6.16 1.04 -12.84
C THR B 57 4.78 1.63 -13.05
N GLN B 58 3.93 1.47 -12.04
CA GLN B 58 2.62 2.14 -12.02
C GLN B 58 2.44 2.84 -10.67
N LEU B 59 1.34 3.57 -10.51
CA LEU B 59 1.24 4.54 -9.39
C LEU B 59 0.66 4.01 -8.09
N LEU B 60 -0.06 2.91 -8.14
CA LEU B 60 -0.74 2.42 -6.94
C LEU B 60 0.18 1.62 -6.04
N PRO B 61 0.23 1.96 -4.75
CA PRO B 61 0.95 1.09 -3.80
C PRO B 61 0.36 -0.31 -3.80
N THR B 62 -0.93 -0.43 -4.06
CA THR B 62 -1.59 -1.74 -4.05
C THR B 62 -1.31 -2.56 -5.33
N GLY B 63 -0.68 -1.95 -6.32
CA GLY B 63 -0.44 -2.63 -7.58
C GLY B 63 0.94 -3.26 -7.67
N ILE B 64 1.81 -2.93 -6.72
CA ILE B 64 3.19 -3.41 -6.74
C ILE B 64 3.24 -4.90 -6.43
N CYS B 65 3.74 -5.69 -7.37
CA CYS B 65 3.79 -7.14 -7.25
C CYS B 65 2.40 -7.79 -7.15
N ALA B 66 1.40 -7.12 -7.70
CA ALA B 66 0.02 -7.63 -7.75
C ALA B 66 -0.25 -8.25 -9.12
N PHE B 67 -1.21 -9.17 -9.16
CA PHE B 67 -1.77 -9.70 -10.44
C PHE B 67 -3.28 -9.76 -10.35
N ARG B 68 -3.90 -9.63 -11.53
CA ARG B 68 -5.31 -9.85 -11.72
CA ARG B 68 -5.31 -9.87 -11.71
C ARG B 68 -5.48 -10.76 -12.93
N GLY B 69 -6.45 -11.64 -12.88
CA GLY B 69 -6.71 -12.49 -14.03
C GLY B 69 -7.71 -13.58 -13.69
N LYS B 70 -7.62 -14.69 -14.42
CA LYS B 70 -8.47 -15.87 -14.19
C LYS B 70 -7.65 -17.16 -14.25
N VAL B 71 -7.99 -18.12 -13.40
CA VAL B 71 -7.37 -19.44 -13.43
C VAL B 71 -7.94 -20.30 -14.57
N THR B 72 -7.07 -21.08 -15.24
CA THR B 72 -7.52 -21.90 -16.38
C THR B 72 -7.26 -23.41 -16.25
N GLN B 73 -6.28 -23.79 -15.44
CA GLN B 73 -5.92 -25.19 -15.30
C GLN B 73 -5.29 -25.51 -13.94
N GLN B 74 -5.55 -26.72 -13.46
CA GLN B 74 -4.95 -27.24 -12.24
C GLN B 74 -3.93 -28.32 -12.65
N VAL B 75 -2.70 -28.23 -12.15
CA VAL B 75 -1.71 -29.26 -12.45
C VAL B 75 -0.99 -29.60 -11.15
N GLN B 76 -1.09 -30.86 -10.72
CA GLN B 76 -0.51 -31.27 -9.45
C GLN B 76 1.01 -31.30 -9.52
N ASP B 77 1.65 -30.99 -8.40
CA ASP B 77 3.10 -31.10 -8.30
C ASP B 77 3.48 -32.58 -8.24
N GLU B 78 4.69 -32.90 -8.69
CA GLU B 78 5.19 -34.27 -8.66
C GLU B 78 5.33 -34.77 -7.23
N HIS B 79 5.78 -33.89 -6.35
CA HIS B 79 6.06 -34.27 -4.97
C HIS B 79 5.04 -33.69 -4.00
N ARG B 80 4.97 -32.35 -3.96
CA ARG B 80 4.10 -31.66 -3.00
C ARG B 80 3.46 -30.42 -3.60
N GLY B 81 2.16 -30.25 -3.38
CA GLY B 81 1.48 -29.03 -3.76
C GLY B 81 0.74 -29.10 -5.09
N THR B 82 0.09 -27.99 -5.43
CA THR B 82 -0.72 -27.94 -6.64
C THR B 82 -0.38 -26.64 -7.36
N HIS B 83 -0.33 -26.69 -8.67
CA HIS B 83 -0.03 -25.52 -9.45
C HIS B 83 -1.26 -25.15 -10.24
N TRP B 84 -1.41 -23.86 -10.50
CA TRP B 84 -2.59 -23.35 -11.17
C TRP B 84 -2.16 -22.37 -12.23
N ASN B 85 -2.60 -22.60 -13.46
CA ASN B 85 -2.31 -21.66 -14.51
C ASN B 85 -3.27 -20.48 -14.46
N MET B 86 -2.73 -19.28 -14.64
CA MET B 86 -3.53 -18.08 -14.54
C MET B 86 -3.27 -17.15 -15.71
N THR B 87 -4.32 -16.79 -16.44
CA THR B 87 -4.19 -15.73 -17.45
C THR B 87 -4.23 -14.40 -16.72
N VAL B 88 -3.33 -13.48 -17.07
CA VAL B 88 -3.31 -12.18 -16.42
C VAL B 88 -3.78 -11.06 -17.34
N THR B 89 -4.44 -10.09 -16.73
CA THR B 89 -4.85 -8.86 -17.41
C THR B 89 -4.02 -7.69 -16.90
N ASN B 90 -4.29 -6.50 -17.43
CA ASN B 90 -3.81 -5.29 -16.77
C ASN B 90 -4.48 -5.20 -15.40
N LEU B 91 -3.83 -4.51 -14.47
CA LEU B 91 -4.41 -4.37 -13.14
C LEU B 91 -5.78 -3.66 -13.17
N ASN B 92 -6.03 -2.79 -14.16
CA ASN B 92 -7.34 -2.12 -14.26
C ASN B 92 -8.41 -3.01 -14.89
N GLY B 93 -8.04 -4.25 -15.19
CA GLY B 93 -8.98 -5.23 -15.71
C GLY B 93 -9.10 -5.35 -17.22
N THR B 94 -8.53 -4.41 -17.96
CA THR B 94 -8.54 -4.46 -19.42
C THR B 94 -7.57 -5.55 -19.86
N PRO B 95 -7.77 -6.11 -21.05
CA PRO B 95 -6.86 -7.16 -21.51
C PRO B 95 -5.44 -6.66 -21.68
N PHE B 96 -4.45 -7.45 -21.30
CA PHE B 96 -3.07 -7.05 -21.54
C PHE B 96 -2.74 -7.27 -23.00
N ASP B 97 -2.27 -6.22 -23.65
CA ASP B 97 -1.86 -6.29 -25.05
C ASP B 97 -0.36 -6.44 -25.10
N PRO B 98 0.12 -7.65 -25.41
CA PRO B 98 1.57 -7.94 -25.42
C PRO B 98 2.38 -7.07 -26.38
N THR B 99 1.72 -6.37 -27.30
CA THR B 99 2.43 -5.45 -28.17
C THR B 99 2.64 -4.06 -27.54
N GLU B 100 2.09 -3.86 -26.34
CA GLU B 100 2.33 -2.63 -25.61
C GLU B 100 3.84 -2.52 -25.32
N ASP B 101 4.39 -1.32 -25.42
CA ASP B 101 5.82 -1.12 -25.23
C ASP B 101 6.20 -1.09 -23.76
N VAL B 102 5.88 -2.17 -23.05
CA VAL B 102 6.29 -2.36 -21.65
C VAL B 102 6.88 -3.76 -21.49
N PRO B 103 7.70 -3.98 -20.44
CA PRO B 103 8.28 -5.32 -20.30
C PRO B 103 7.28 -6.40 -19.96
N ALA B 104 6.17 -6.00 -19.34
CA ALA B 104 5.19 -6.91 -18.77
C ALA B 104 4.05 -6.03 -18.24
N PRO B 105 2.93 -6.63 -17.84
CA PRO B 105 1.88 -5.79 -17.25
C PRO B 105 2.45 -4.96 -16.11
N LEU B 106 2.02 -3.71 -16.02
CA LEU B 106 2.52 -2.86 -14.95
C LEU B 106 2.21 -3.48 -13.59
N GLY B 107 3.19 -3.37 -12.68
CA GLY B 107 3.08 -3.97 -11.36
C GLY B 107 3.71 -5.36 -11.25
N THR B 108 3.95 -6.01 -12.38
CA THR B 108 4.61 -7.33 -12.36
C THR B 108 5.88 -7.29 -11.52
N PRO B 109 6.09 -8.31 -10.69
CA PRO B 109 7.36 -8.34 -9.92
C PRO B 109 8.62 -8.22 -10.80
N ASP B 110 9.66 -7.57 -10.28
CA ASP B 110 10.88 -7.29 -11.04
C ASP B 110 12.11 -8.01 -10.52
N PHE B 111 11.91 -9.12 -9.80
CA PHE B 111 13.03 -9.88 -9.29
C PHE B 111 12.74 -11.35 -9.23
N SER B 112 13.81 -12.14 -9.22
CA SER B 112 13.76 -13.59 -9.08
C SER B 112 13.52 -14.01 -7.64
N GLY B 113 12.50 -14.84 -7.42
CA GLY B 113 12.23 -15.33 -6.09
C GLY B 113 10.90 -16.04 -6.04
N GLN B 114 10.62 -16.62 -4.88
CA GLN B 114 9.31 -17.22 -4.59
C GLN B 114 8.50 -16.19 -3.84
N ILE B 115 7.58 -15.54 -4.53
CA ILE B 115 6.79 -14.48 -3.90
C ILE B 115 5.56 -15.08 -3.24
N TYR B 116 5.40 -14.83 -1.94
CA TYR B 116 4.33 -15.41 -1.13
C TYR B 116 3.22 -14.39 -0.96
N GLY B 117 1.97 -14.82 -1.09
CA GLY B 117 0.86 -13.90 -0.91
C GLY B 117 -0.44 -14.67 -0.81
N VAL B 118 -1.54 -14.01 -1.12
CA VAL B 118 -2.84 -14.64 -1.04
C VAL B 118 -3.52 -14.49 -2.37
N ILE B 119 -4.03 -15.60 -2.88
CA ILE B 119 -4.91 -15.58 -4.03
C ILE B 119 -6.34 -15.53 -3.52
N SER B 120 -7.12 -14.57 -4.00
CA SER B 120 -8.56 -14.48 -3.67
C SER B 120 -9.39 -14.41 -4.94
N GLN B 121 -10.63 -14.89 -4.85
CA GLN B 121 -11.56 -14.91 -5.97
C GLN B 121 -12.94 -14.45 -5.53
N ARG B 122 -13.59 -13.70 -6.40
CA ARG B 122 -15.00 -13.32 -6.25
C ARG B 122 -15.68 -13.70 -7.55
N ASN B 123 -16.56 -14.69 -7.50
CA ASN B 123 -17.17 -15.20 -8.72
C ASN B 123 -18.00 -14.15 -9.45
N THR B 124 -18.10 -14.31 -10.76
CA THR B 124 -18.91 -13.42 -11.60
C THR B 124 -20.39 -13.73 -11.48
N ASN B 125 -20.70 -15.01 -11.46
CA ASN B 125 -22.10 -15.43 -11.37
C ASN B 125 -22.66 -15.22 -9.96
N THR B 126 -23.87 -14.68 -9.88
CA THR B 126 -24.47 -14.44 -8.57
C THR B 126 -25.65 -15.36 -8.34
N VAL B 127 -26.02 -15.56 -7.08
CA VAL B 127 -27.13 -16.41 -6.73
C VAL B 127 -28.31 -15.58 -6.23
N PRO B 128 -29.41 -15.60 -6.99
CA PRO B 128 -30.63 -14.88 -6.60
C PRO B 128 -31.03 -15.15 -5.14
N GLY B 129 -30.97 -16.41 -4.72
CA GLY B 129 -31.34 -16.80 -3.38
C GLY B 129 -30.40 -16.28 -2.30
N GLU B 130 -29.23 -15.80 -2.72
CA GLU B 130 -28.26 -15.22 -1.77
C GLU B 130 -28.28 -13.69 -1.85
N GLY B 131 -29.38 -13.15 -2.38
CA GLY B 131 -29.48 -11.70 -2.57
C GLY B 131 -28.69 -11.22 -3.77
N ASN B 132 -28.59 -12.08 -4.78
CA ASN B 132 -27.80 -11.79 -5.96
C ASN B 132 -26.34 -11.51 -5.58
N LEU B 133 -25.75 -12.39 -4.78
CA LEU B 133 -24.36 -12.26 -4.31
C LEU B 133 -23.48 -13.45 -4.69
N PRO B 134 -22.19 -13.19 -4.92
CA PRO B 134 -21.29 -14.24 -5.40
C PRO B 134 -20.56 -15.03 -4.31
N ALA B 135 -20.15 -16.24 -4.67
CA ALA B 135 -19.28 -17.05 -3.82
C ALA B 135 -17.84 -16.54 -3.87
N ASN B 136 -17.09 -16.81 -2.80
CA ASN B 136 -15.72 -16.32 -2.68
C ASN B 136 -14.81 -17.40 -2.08
N ARG B 137 -13.50 -17.28 -2.34
CA ARG B 137 -12.49 -18.09 -1.67
C ARG B 137 -11.15 -17.40 -1.72
N ALA B 138 -10.30 -17.67 -0.72
CA ALA B 138 -8.92 -17.22 -0.74
C ALA B 138 -8.02 -18.27 -0.12
N HIS B 139 -6.78 -18.34 -0.61
CA HIS B 139 -5.78 -19.26 -0.09
C HIS B 139 -4.39 -18.67 -0.22
N GLU B 140 -3.49 -19.11 0.66
CA GLU B 140 -2.08 -18.78 0.52
C GLU B 140 -1.57 -19.32 -0.82
N ALA B 141 -0.64 -18.58 -1.41
CA ALA B 141 -0.10 -18.95 -2.70
C ALA B 141 1.32 -18.48 -2.87
N VAL B 142 2.05 -19.14 -3.76
CA VAL B 142 3.42 -18.73 -4.09
C VAL B 142 3.55 -18.58 -5.62
N ILE B 143 4.19 -17.51 -6.05
CA ILE B 143 4.54 -17.30 -7.46
C ILE B 143 6.05 -17.28 -7.60
N ALA B 144 6.57 -18.31 -8.27
CA ALA B 144 8.00 -18.40 -8.55
C ALA B 144 8.30 -17.65 -9.84
N THR B 145 8.93 -16.48 -9.71
CA THR B 145 9.13 -15.61 -10.86
C THR B 145 10.25 -16.09 -11.77
N TYR B 146 11.01 -17.09 -11.32
CA TYR B 146 12.06 -17.70 -12.14
C TYR B 146 11.56 -18.93 -12.89
N SER B 147 10.32 -19.34 -12.64
CA SER B 147 9.74 -20.52 -13.28
C SER B 147 9.61 -20.33 -14.79
N PRO B 148 9.80 -21.42 -15.55
CA PRO B 148 9.54 -21.33 -16.98
C PRO B 148 8.07 -21.00 -17.27
N LYS B 149 7.18 -21.23 -16.31
CA LYS B 149 5.77 -20.88 -16.50
C LYS B 149 5.48 -19.43 -16.13
N PHE B 150 6.49 -18.68 -15.68
CA PHE B 150 6.27 -17.28 -15.35
C PHE B 150 6.44 -16.46 -16.62
N THR B 151 5.34 -16.24 -17.35
CA THR B 151 5.41 -15.57 -18.64
C THR B 151 4.39 -14.43 -18.75
N PRO B 152 4.44 -13.49 -17.80
CA PRO B 152 3.44 -12.42 -17.79
C PRO B 152 3.38 -11.57 -19.06
N LYS B 153 4.51 -11.38 -19.75
CA LYS B 153 4.47 -10.65 -21.02
C LYS B 153 3.68 -11.39 -22.09
N LEU B 154 3.55 -12.71 -21.97
CA LEU B 154 2.70 -13.50 -22.89
C LEU B 154 1.27 -13.60 -22.36
N GLY B 155 1.04 -13.06 -21.16
CA GLY B 155 -0.29 -12.97 -20.60
C GLY B 155 -0.66 -14.11 -19.68
N ASN B 156 0.33 -14.87 -19.20
CA ASN B 156 0.03 -15.98 -18.29
C ASN B 156 1.14 -16.34 -17.32
N ILE B 157 0.72 -16.75 -16.12
CA ILE B 157 1.65 -17.16 -15.08
C ILE B 157 1.17 -18.42 -14.42
N GLN B 158 1.95 -18.95 -13.48
CA GLN B 158 1.49 -20.06 -12.66
C GLN B 158 1.72 -19.70 -11.21
N PHE B 159 0.82 -20.15 -10.33
CA PHE B 159 1.04 -20.02 -8.89
C PHE B 159 0.81 -21.37 -8.25
N SER B 160 1.35 -21.57 -7.05
CA SER B 160 1.21 -22.84 -6.38
C SER B 160 0.50 -22.59 -5.07
N THR B 161 -0.19 -23.63 -4.62
CA THR B 161 -0.86 -23.62 -3.33
C THR B 161 -0.54 -24.90 -2.56
N TRP B 162 -0.75 -24.82 -1.25
CA TRP B 162 -0.71 -25.96 -0.34
C TRP B 162 -2.12 -26.54 -0.30
N GLU B 163 -3.11 -25.66 -0.48
CA GLU B 163 -4.46 -26.07 -0.83
C GLU B 163 -4.38 -26.99 -2.03
N THR B 164 -5.22 -28.03 -2.02
CA THR B 164 -5.15 -29.02 -3.09
C THR B 164 -6.26 -28.89 -4.11
N GLN B 165 -7.37 -28.22 -3.76
CA GLN B 165 -8.49 -28.23 -4.68
C GLN B 165 -9.35 -26.96 -4.81
N ASP B 166 -9.43 -26.14 -3.76
CA ASP B 166 -10.44 -25.07 -3.71
C ASP B 166 -10.03 -23.76 -4.40
N VAL B 167 -9.69 -23.88 -5.67
CA VAL B 167 -9.43 -22.74 -6.54
C VAL B 167 -10.25 -22.94 -7.80
N SER B 168 -11.10 -21.94 -8.11
CA SER B 168 -12.04 -22.09 -9.21
C SER B 168 -11.47 -21.59 -10.53
N SER B 169 -11.85 -22.23 -11.63
CA SER B 169 -11.43 -21.78 -12.95
C SER B 169 -12.45 -20.80 -13.51
N GLY B 170 -11.99 -19.88 -14.34
CA GLY B 170 -12.87 -18.96 -15.04
C GLY B 170 -13.50 -17.87 -14.19
N GLN B 171 -12.91 -17.60 -13.03
CA GLN B 171 -13.45 -16.63 -12.09
C GLN B 171 -12.42 -15.58 -11.76
N PRO B 172 -12.84 -14.32 -11.58
CA PRO B 172 -11.88 -13.25 -11.29
C PRO B 172 -11.01 -13.55 -10.08
N THR B 173 -9.70 -13.38 -10.26
CA THR B 173 -8.68 -13.76 -9.29
C THR B 173 -7.74 -12.59 -9.03
N LYS B 174 -7.37 -12.40 -7.77
CA LYS B 174 -6.47 -11.32 -7.35
C LYS B 174 -5.32 -11.93 -6.59
N PHE B 175 -4.08 -11.50 -6.86
CA PHE B 175 -2.96 -11.86 -6.00
C PHE B 175 -2.54 -10.66 -5.16
N THR B 176 -2.62 -10.81 -3.84
CA THR B 176 -2.13 -9.80 -2.89
C THR B 176 -0.78 -10.29 -2.38
N PRO B 177 0.31 -9.58 -2.70
CA PRO B 177 1.62 -10.03 -2.24
C PRO B 177 1.79 -9.79 -0.74
N VAL B 178 2.55 -10.65 -0.06
CA VAL B 178 2.79 -10.47 1.37
C VAL B 178 4.28 -10.53 1.70
N GLY B 179 5.03 -11.42 1.05
CA GLY B 179 6.45 -11.53 1.34
C GLY B 179 7.11 -12.55 0.45
N LEU B 180 8.12 -13.24 0.96
CA LEU B 180 8.75 -14.33 0.22
C LEU B 180 8.45 -15.67 0.89
N ALA B 181 8.48 -16.73 0.09
CA ALA B 181 8.21 -18.05 0.67
C ALA B 181 9.44 -18.60 1.39
N SER B 182 10.63 -18.27 0.87
CA SER B 182 11.89 -18.83 1.35
C SER B 182 12.98 -18.02 0.71
N VAL B 183 14.16 -18.06 1.32
CA VAL B 183 15.37 -17.56 0.68
C VAL B 183 16.45 -18.63 0.72
N ASP B 184 16.04 -19.89 0.79
CA ASP B 184 16.98 -21.00 0.55
C ASP B 184 17.56 -20.92 -0.87
N ALA B 185 18.68 -21.61 -1.10
CA ALA B 185 19.30 -21.54 -2.42
C ALA B 185 18.35 -22.04 -3.51
N ASN B 186 17.58 -23.07 -3.17
CA ASN B 186 16.63 -23.65 -4.12
C ASN B 186 15.48 -22.72 -4.46
N SER B 187 15.36 -21.61 -3.71
CA SER B 187 14.28 -20.67 -3.93
C SER B 187 14.71 -19.48 -4.80
N HIS B 188 15.99 -19.44 -5.18
CA HIS B 188 16.49 -18.48 -6.15
C HIS B 188 16.09 -17.02 -5.91
N PHE B 189 16.22 -16.55 -4.67
CA PHE B 189 15.99 -15.14 -4.39
C PHE B 189 17.21 -14.33 -4.81
N ASP B 190 17.02 -13.44 -5.78
CA ASP B 190 18.07 -12.49 -6.15
C ASP B 190 17.35 -11.22 -6.61
N GLN B 191 17.44 -10.17 -5.80
CA GLN B 191 16.63 -8.98 -6.04
C GLN B 191 17.04 -8.22 -7.29
N TRP B 192 18.25 -8.49 -7.78
CA TRP B 192 18.73 -7.81 -9.00
C TRP B 192 18.65 -8.66 -10.27
N THR B 193 18.20 -9.91 -10.16
CA THR B 193 18.01 -10.74 -11.34
C THR B 193 16.58 -10.57 -11.82
N LEU B 194 16.40 -10.06 -13.03
CA LEU B 194 15.07 -9.88 -13.61
C LEU B 194 14.46 -11.22 -13.99
N PRO B 195 13.13 -11.35 -13.82
CA PRO B 195 12.45 -12.50 -14.43
C PRO B 195 12.63 -12.43 -15.93
N SER B 196 12.48 -13.58 -16.59
CA SER B 196 12.35 -13.63 -18.04
C SER B 196 10.87 -13.47 -18.31
N TYR B 197 10.44 -12.26 -18.63
CA TYR B 197 9.00 -11.97 -18.67
C TYR B 197 8.24 -12.78 -19.72
N SER B 198 8.96 -13.25 -20.74
CA SER B 198 8.36 -14.09 -21.79
C SER B 198 8.86 -15.52 -21.78
N GLY B 199 9.54 -15.92 -20.71
CA GLY B 199 10.16 -17.24 -20.68
C GLY B 199 11.65 -17.25 -21.01
N ALA B 200 12.32 -18.35 -20.72
CA ALA B 200 13.79 -18.38 -20.62
C ALA B 200 14.57 -18.06 -21.91
N LEU B 201 14.03 -18.45 -23.05
CA LEU B 201 14.78 -18.31 -24.30
C LEU B 201 14.49 -16.99 -24.98
N THR B 202 13.70 -16.13 -24.33
CA THR B 202 13.23 -14.90 -24.95
C THR B 202 13.76 -13.65 -24.26
N LEU B 203 14.21 -12.69 -25.06
CA LEU B 203 14.77 -11.46 -24.51
C LEU B 203 13.73 -10.56 -23.85
N ASN B 204 14.01 -10.03 -22.67
CA ASN B 204 13.16 -8.97 -22.12
C ASN B 204 13.22 -7.72 -22.99
N MET B 205 12.11 -6.99 -23.04
CA MET B 205 11.98 -5.81 -23.88
C MET B 205 11.48 -4.57 -23.14
N ASN B 206 11.80 -3.40 -23.68
CA ASN B 206 11.27 -2.14 -23.14
C ASN B 206 11.68 -1.82 -21.70
N LEU B 207 12.88 -2.27 -21.33
CA LEU B 207 13.32 -2.13 -19.93
C LEU B 207 13.71 -0.71 -19.59
N ALA B 208 13.43 -0.32 -18.34
CA ALA B 208 14.07 0.87 -17.78
C ALA B 208 15.55 0.57 -17.74
N PRO B 209 16.39 1.59 -17.93
CA PRO B 209 17.84 1.33 -18.04
C PRO B 209 18.53 0.96 -16.73
N SER B 210 19.71 0.35 -16.80
CA SER B 210 20.47 0.05 -15.60
C SER B 210 20.97 1.36 -15.01
N VAL B 211 21.27 1.36 -13.71
CA VAL B 211 21.79 2.56 -13.05
C VAL B 211 23.11 2.22 -12.34
N ALA B 212 24.02 3.19 -12.29
CA ALA B 212 25.32 2.98 -11.65
C ALA B 212 25.94 4.33 -11.35
N PRO B 213 26.83 4.38 -10.34
CA PRO B 213 27.63 5.59 -10.17
C PRO B 213 28.63 5.73 -11.31
N VAL B 214 29.01 6.96 -11.62
CA VAL B 214 29.98 7.16 -12.69
C VAL B 214 31.19 7.96 -12.20
N PHE B 215 31.05 8.58 -11.03
CA PHE B 215 32.10 9.39 -10.43
C PHE B 215 32.86 8.52 -9.43
N PRO B 216 34.20 8.61 -9.43
CA PRO B 216 34.98 7.77 -8.51
C PRO B 216 34.64 8.00 -7.04
N GLY B 217 34.52 6.93 -6.28
CA GLY B 217 34.20 7.03 -4.87
C GLY B 217 32.71 7.12 -4.56
N GLU B 218 31.86 7.17 -5.60
CA GLU B 218 30.41 7.17 -5.37
C GLU B 218 29.80 5.78 -5.47
N CYS B 219 28.68 5.61 -4.76
CA CYS B 219 27.92 4.36 -4.84
C CYS B 219 26.44 4.68 -4.86
N LEU B 220 25.61 3.74 -5.27
CA LEU B 220 24.15 3.92 -5.21
C LEU B 220 23.67 4.01 -3.76
N LEU B 221 22.66 4.85 -3.52
CA LEU B 221 21.96 4.91 -2.22
C LEU B 221 20.57 4.36 -2.43
N PHE B 222 20.17 3.41 -1.59
CA PHE B 222 18.89 2.74 -1.70
C PHE B 222 17.99 3.04 -0.52
N PHE B 223 16.68 2.94 -0.79
CA PHE B 223 15.68 2.90 0.26
C PHE B 223 15.35 1.43 0.51
N ARG B 224 15.74 0.92 1.68
CA ARG B 224 15.67 -0.51 1.96
C ARG B 224 14.49 -0.89 2.85
N SER B 225 13.81 -1.98 2.52
CA SER B 225 12.75 -2.54 3.37
C SER B 225 13.01 -4.00 3.63
N PHE B 226 12.76 -4.44 4.85
CA PHE B 226 12.86 -5.88 5.14
C PHE B 226 11.54 -6.58 4.80
N ILE B 227 11.66 -7.73 4.13
CA ILE B 227 10.48 -8.40 3.54
C ILE B 227 10.15 -9.65 4.38
N PRO B 228 8.87 -9.88 4.70
CA PRO B 228 8.49 -11.04 5.51
C PRO B 228 8.80 -12.38 4.82
N LEU B 229 8.98 -13.42 5.63
CA LEU B 229 9.19 -14.77 5.13
C LEU B 229 8.18 -15.75 5.67
N LYS B 230 7.71 -16.65 4.80
CA LYS B 230 6.80 -17.71 5.19
C LYS B 230 7.48 -18.75 6.09
N GLY B 231 8.78 -18.95 5.89
CA GLY B 231 9.49 -19.94 6.67
C GLY B 231 10.97 -19.89 6.42
N GLY B 232 11.71 -20.64 7.24
CA GLY B 232 13.15 -20.73 7.13
C GLY B 232 13.91 -19.58 7.75
N TYR B 233 15.22 -19.61 7.54
CA TYR B 233 16.11 -18.63 8.14
C TYR B 233 16.37 -17.52 7.13
N GLY B 234 16.54 -16.31 7.63
CA GLY B 234 16.88 -15.21 6.75
C GLY B 234 16.41 -13.88 7.28
N ASN B 235 17.00 -12.80 6.77
CA ASN B 235 16.51 -11.45 7.01
C ASN B 235 16.51 -10.71 5.67
N PRO B 236 15.75 -11.22 4.70
CA PRO B 236 15.78 -10.62 3.37
C PRO B 236 15.28 -9.17 3.29
N ALA B 237 15.87 -8.44 2.33
CA ALA B 237 15.54 -7.04 2.09
C ALA B 237 15.30 -6.79 0.61
N ILE B 238 14.51 -5.76 0.33
CA ILE B 238 14.30 -5.26 -1.02
C ILE B 238 14.71 -3.79 -1.02
N ASP B 239 15.59 -3.44 -1.94
CA ASP B 239 16.14 -2.08 -2.06
C ASP B 239 15.52 -1.40 -3.27
N CYS B 240 14.89 -0.25 -3.07
CA CYS B 240 14.39 0.51 -4.22
C CYS B 240 15.20 1.78 -4.45
N LEU B 241 15.14 2.27 -5.68
CA LEU B 241 15.89 3.47 -6.05
C LEU B 241 15.24 4.75 -5.55
N MET B 242 13.90 4.79 -5.51
CA MET B 242 13.12 5.90 -4.97
C MET B 242 11.86 5.30 -4.37
N PRO B 243 11.39 5.85 -3.24
CA PRO B 243 10.13 5.34 -2.69
C PRO B 243 8.93 5.60 -3.60
N GLN B 244 7.86 4.86 -3.37
CA GLN B 244 6.66 5.04 -4.16
C GLN B 244 6.10 6.46 -4.14
N GLU B 245 6.21 7.15 -2.99
CA GLU B 245 5.71 8.51 -2.90
C GLU B 245 6.50 9.48 -3.80
N TRP B 246 7.79 9.19 -4.02
CA TRP B 246 8.55 10.03 -4.92
C TRP B 246 8.10 9.80 -6.35
N VAL B 247 7.85 8.54 -6.72
CA VAL B 247 7.30 8.23 -8.03
C VAL B 247 6.00 9.01 -8.25
N GLN B 248 5.12 8.96 -7.25
CA GLN B 248 3.82 9.63 -7.38
C GLN B 248 3.98 11.13 -7.51
N HIS B 249 4.90 11.68 -6.73
CA HIS B 249 5.15 13.12 -6.73
C HIS B 249 5.74 13.60 -8.06
N LEU B 250 6.79 12.92 -8.51
CA LEU B 250 7.44 13.29 -9.77
C LEU B 250 6.47 13.21 -10.96
N TYR B 251 5.66 12.17 -10.99
CA TYR B 251 4.67 11.99 -12.04
C TYR B 251 3.71 13.18 -12.13
N GLN B 252 3.24 13.65 -10.98
CA GLN B 252 2.27 14.73 -11.00
C GLN B 252 2.88 16.09 -11.33
N GLU B 253 4.06 16.36 -10.78
CA GLU B 253 4.72 17.66 -10.99
C GLU B 253 5.20 17.86 -12.43
N SER B 254 5.79 16.81 -13.01
CA SER B 254 6.42 16.91 -14.33
C SER B 254 7.28 18.16 -14.44
N ALA B 255 8.14 18.39 -13.46
CA ALA B 255 9.01 19.56 -13.51
C ALA B 255 10.16 19.28 -14.48
N PRO B 256 10.47 20.24 -15.36
CA PRO B 256 11.58 20.05 -16.31
C PRO B 256 12.92 19.78 -15.60
N SER B 257 13.69 18.80 -16.08
CA SER B 257 15.03 18.59 -15.52
C SER B 257 16.01 19.57 -16.17
N LEU B 258 16.68 20.37 -15.35
CA LEU B 258 17.53 21.44 -15.88
C LEU B 258 18.96 20.97 -16.16
N SER B 259 19.33 19.83 -15.57
CA SER B 259 20.59 19.17 -15.89
C SER B 259 20.39 17.69 -15.63
N ASP B 260 21.46 16.91 -15.78
CA ASP B 260 21.36 15.48 -15.60
C ASP B 260 21.43 15.09 -14.14
N VAL B 261 21.79 16.05 -13.28
CA VAL B 261 22.06 15.72 -11.89
C VAL B 261 21.61 16.82 -10.94
N ALA B 262 20.72 16.48 -10.02
CA ALA B 262 20.35 17.41 -8.97
C ALA B 262 21.14 17.13 -7.70
N LEU B 263 21.54 18.19 -7.00
CA LEU B 263 22.12 18.06 -5.67
C LEU B 263 20.99 18.09 -4.66
N VAL B 264 20.92 17.09 -3.78
CA VAL B 264 19.94 17.06 -2.72
C VAL B 264 20.64 16.93 -1.36
N ARG B 265 20.00 17.45 -0.32
CA ARG B 265 20.57 17.44 1.03
C ARG B 265 19.62 16.69 1.96
N TYR B 266 20.16 15.78 2.76
CA TYR B 266 19.35 15.10 3.76
C TYR B 266 19.43 15.93 5.02
N VAL B 267 18.30 16.49 5.41
CA VAL B 267 18.34 17.48 6.47
C VAL B 267 17.65 17.00 7.73
N ASN B 268 18.19 17.45 8.86
CA ASN B 268 17.50 17.35 10.13
C ASN B 268 16.77 18.67 10.29
N PRO B 269 15.43 18.63 10.24
CA PRO B 269 14.62 19.85 10.27
C PRO B 269 14.70 20.58 11.61
N GLU B 270 14.91 19.86 12.70
CA GLU B 270 15.09 20.48 14.01
C GLU B 270 16.30 21.41 13.99
N THR B 271 17.48 20.82 13.78
CA THR B 271 18.72 21.59 13.72
C THR B 271 18.79 22.43 12.44
N GLY B 272 18.30 21.86 11.34
CA GLY B 272 18.36 22.50 10.05
C GLY B 272 19.66 22.18 9.33
N ARG B 273 20.54 21.45 10.00
CA ARG B 273 21.82 21.10 9.40
C ARG B 273 21.68 19.96 8.40
N THR B 274 22.56 19.97 7.41
CA THR B 274 22.62 18.90 6.42
C THR B 274 23.39 17.72 7.02
N LEU B 275 22.76 16.55 7.04
CA LEU B 275 23.39 15.36 7.59
C LEU B 275 24.34 14.79 6.54
N PHE B 276 23.90 14.81 5.28
CA PHE B 276 24.77 14.45 4.16
C PHE B 276 24.14 14.93 2.86
N GLU B 277 24.91 14.92 1.78
CA GLU B 277 24.35 15.28 0.48
C GLU B 277 24.42 14.11 -0.49
N ALA B 278 23.57 14.18 -1.52
CA ALA B 278 23.51 13.13 -2.50
C ALA B 278 23.25 13.74 -3.87
N LYS B 279 23.58 12.97 -4.90
CA LYS B 279 23.24 13.31 -6.28
C LYS B 279 21.97 12.57 -6.65
N LEU B 280 20.98 13.30 -7.12
CA LEU B 280 19.74 12.68 -7.60
C LEU B 280 19.77 12.78 -9.12
N HIS B 281 19.91 11.62 -9.77
CA HIS B 281 20.16 11.57 -11.21
C HIS B 281 18.87 11.59 -12.02
N ARG B 282 18.98 12.11 -13.24
CA ARG B 282 17.84 12.30 -14.14
C ARG B 282 16.97 11.07 -14.31
N ASN B 283 17.60 9.92 -14.44
CA ASN B 283 16.85 8.67 -14.62
C ASN B 283 16.14 8.16 -13.35
N GLY B 284 16.38 8.82 -12.22
CA GLY B 284 15.62 8.56 -11.00
C GLY B 284 16.32 7.61 -10.04
N PHE B 285 17.50 8.01 -9.60
CA PHE B 285 18.26 7.25 -8.60
C PHE B 285 19.24 8.17 -7.89
N LEU B 286 19.69 7.74 -6.70
CA LEU B 286 20.64 8.50 -5.87
C LEU B 286 22.02 7.87 -5.83
N THR B 287 23.05 8.71 -5.83
CA THR B 287 24.37 8.28 -5.43
C THR B 287 24.92 9.14 -4.29
N VAL B 288 25.85 8.57 -3.53
CA VAL B 288 26.48 9.31 -2.44
C VAL B 288 27.96 8.99 -2.48
N ALA B 289 28.77 9.82 -1.83
CA ALA B 289 30.18 9.53 -1.71
C ALA B 289 30.38 8.78 -0.39
N ARG B 290 30.32 7.46 -0.46
CA ARG B 290 30.45 6.64 0.73
C ARG B 290 31.28 5.41 0.38
N ASN B 291 32.18 5.03 1.28
CA ASN B 291 33.13 3.96 1.01
C ASN B 291 32.84 2.74 1.88
N SER B 292 31.56 2.50 2.16
CA SER B 292 31.19 1.39 3.03
C SER B 292 29.81 0.86 2.69
N ALA B 293 29.52 -0.35 3.15
CA ALA B 293 28.23 -0.97 2.93
C ALA B 293 27.47 -0.95 4.23
N GLY B 294 26.14 -0.89 4.14
CA GLY B 294 25.30 -1.05 5.30
C GLY B 294 24.32 0.09 5.42
N PRO B 295 23.56 0.10 6.51
CA PRO B 295 22.55 1.14 6.72
C PRO B 295 23.22 2.48 6.95
N VAL B 296 22.46 3.53 6.66
CA VAL B 296 22.86 4.88 7.02
C VAL B 296 22.17 5.16 8.34
N VAL B 297 22.94 5.49 9.36
CA VAL B 297 22.35 5.83 10.65
C VAL B 297 21.95 7.29 10.62
N ALA B 298 20.66 7.57 10.70
N ALA B 298 20.65 7.52 10.70
CA ALA B 298 20.22 8.96 10.60
CA ALA B 298 20.07 8.84 10.68
C ALA B 298 19.11 9.27 11.59
C ALA B 298 18.62 8.76 11.16
N PRO B 299 19.02 10.55 12.00
N PRO B 299 18.09 9.87 11.69
CA PRO B 299 17.89 11.03 12.80
CA PRO B 299 16.73 9.93 12.24
C PRO B 299 16.58 10.69 12.12
C PRO B 299 15.66 9.68 11.19
N THR B 300 15.60 10.25 12.91
N THR B 300 14.68 8.86 11.53
CA THR B 300 14.31 9.84 12.39
CA THR B 300 13.61 8.52 10.60
C THR B 300 13.53 10.96 11.72
C THR B 300 12.72 9.71 10.26
N ASN B 301 13.91 12.21 11.97
N ASN B 301 12.90 10.80 11.01
CA ASN B 301 13.19 13.35 11.41
CA ASN B 301 12.15 12.04 10.76
C ASN B 301 13.76 13.84 10.07
C ASN B 301 12.90 13.00 9.85
N GLY B 302 14.78 13.15 9.57
N GLY B 302 14.03 12.55 9.29
CA GLY B 302 15.42 13.52 8.33
CA GLY B 302 14.83 13.38 8.41
C GLY B 302 14.66 13.21 7.05
C GLY B 302 14.34 13.25 6.98
N TYR B 303 14.79 14.12 6.08
CA TYR B 303 14.27 13.98 4.72
C TYR B 303 15.15 14.69 3.70
N PHE B 304 15.02 14.30 2.44
CA PHE B 304 15.74 14.96 1.36
C PHE B 304 15.08 16.24 0.89
N ARG B 305 15.92 17.25 0.64
CA ARG B 305 15.48 18.52 0.10
C ARG B 305 16.33 18.83 -1.14
N PHE B 306 15.68 19.21 -2.23
CA PHE B 306 16.39 19.67 -3.42
C PHE B 306 17.19 20.93 -3.13
N ASP B 307 18.45 20.96 -3.56
CA ASP B 307 19.28 22.14 -3.40
C ASP B 307 19.40 22.91 -4.70
N SER B 308 19.91 22.26 -5.75
CA SER B 308 20.15 22.96 -7.01
C SER B 308 20.49 21.92 -8.07
N TRP B 309 20.59 22.36 -9.31
CA TRP B 309 21.06 21.49 -10.37
C TRP B 309 22.58 21.62 -10.51
N VAL B 310 23.24 20.47 -10.57
CA VAL B 310 24.68 20.44 -10.73
C VAL B 310 25.02 19.61 -11.96
N ASN B 311 26.16 18.94 -11.98
CA ASN B 311 26.44 18.05 -13.11
C ASN B 311 27.25 16.84 -12.65
N GLN B 312 27.63 15.99 -13.60
CA GLN B 312 28.30 14.75 -13.27
C GLN B 312 29.66 14.96 -12.61
N PHE B 313 30.24 16.15 -12.76
CA PHE B 313 31.58 16.43 -12.25
C PHE B 313 31.57 16.98 -10.82
N TYR B 314 30.37 17.19 -10.29
CA TYR B 314 30.25 17.72 -8.94
C TYR B 314 30.77 16.73 -7.90
N THR B 315 31.55 17.23 -6.96
CA THR B 315 32.10 16.38 -5.90
C THR B 315 31.28 16.47 -4.64
N LEU B 316 30.66 15.36 -4.25
CA LEU B 316 29.87 15.32 -3.03
C LEU B 316 30.77 15.29 -1.81
N ALA B 317 30.33 15.95 -0.74
CA ALA B 317 31.00 15.80 0.54
C ALA B 317 30.91 14.33 0.98
N PRO B 318 32.05 13.76 1.40
CA PRO B 318 32.11 12.36 1.83
C PRO B 318 31.19 12.08 3.02
N MET B 319 30.56 10.90 3.05
CA MET B 319 29.70 10.51 4.17
C MET B 319 30.48 9.85 5.31
#